data_9F8Y
#
_entry.id   9F8Y
#
_cell.length_a   46.843
_cell.length_b   106.432
_cell.length_c   113.589
_cell.angle_alpha   90.000
_cell.angle_beta   90.000
_cell.angle_gamma   90.000
#
_symmetry.space_group_name_H-M   'P 21 21 21'
#
loop_
_entity.id
_entity.type
_entity.pdbx_description
1 polymer 'RSVF-multi-3.5 designed scaffold'
2 water water
#
_entity_poly.entity_id   1
_entity_poly.type   'polypeptide(L)'
_entity_poly.pdbx_seq_one_letter_code
;MGWHHHHHHENLYFQGASMKLVIARVKSPKVKRLSEEDIEKIKSALKSTNKAVVTIKDENGEEIEVEVRLLTLEEALKYI
NDLPISNDAKKLMSNNIHKALEPGRTVVFGPEGCEERDKNRGIIKTFSTDVKLDETYFFFRVEAEQ
;
_entity_poly.pdbx_strand_id   D,A,B,C
#
# COMPACT_ATOMS: atom_id res chain seq x y z
N MET A 19 -10.28 -13.61 -21.18
CA MET A 19 -10.12 -12.24 -20.62
C MET A 19 -9.03 -11.53 -21.41
N LYS A 20 -9.39 -10.44 -22.09
CA LYS A 20 -8.43 -9.74 -22.92
C LYS A 20 -8.35 -8.27 -22.53
N LEU A 21 -7.15 -7.70 -22.68
CA LEU A 21 -6.94 -6.28 -22.35
C LEU A 21 -6.67 -5.53 -23.65
N VAL A 22 -6.88 -4.21 -23.63
CA VAL A 22 -6.51 -3.40 -24.82
C VAL A 22 -5.26 -2.60 -24.43
N ILE A 23 -4.21 -2.68 -25.25
CA ILE A 23 -2.99 -1.86 -25.01
C ILE A 23 -2.95 -0.75 -26.05
N ALA A 24 -3.09 0.50 -25.62
CA ALA A 24 -3.08 1.65 -26.51
C ALA A 24 -1.77 2.40 -26.32
N ARG A 25 -0.86 2.28 -27.29
CA ARG A 25 0.43 3.01 -27.27
C ARG A 25 0.26 4.30 -28.06
N VAL A 26 0.15 5.40 -27.34
CA VAL A 26 0.02 6.72 -27.95
C VAL A 26 1.41 7.31 -28.13
N LYS A 27 1.78 7.57 -29.39
CA LYS A 27 3.11 8.06 -29.72
C LYS A 27 3.15 9.58 -29.56
N SER A 28 3.04 10.02 -28.30
CA SER A 28 3.06 11.44 -27.99
C SER A 28 3.46 11.61 -26.53
N PRO A 29 4.32 12.57 -26.20
CA PRO A 29 4.65 12.84 -24.80
C PRO A 29 3.64 13.73 -24.09
N LYS A 30 2.63 14.24 -24.80
CA LYS A 30 1.68 15.20 -24.24
C LYS A 30 0.25 14.78 -24.59
N VAL A 31 -0.16 13.60 -24.13
CA VAL A 31 -1.57 13.15 -24.30
C VAL A 31 -1.93 12.48 -22.98
N LYS A 32 -2.76 13.12 -22.15
CA LYS A 32 -3.02 12.58 -20.80
C LYS A 32 -4.15 11.56 -20.81
N ARG A 33 -5.13 11.72 -21.70
CA ARG A 33 -6.30 10.80 -21.62
C ARG A 33 -6.86 10.50 -23.00
N LEU A 34 -7.74 9.51 -23.09
CA LEU A 34 -8.39 9.17 -24.38
C LEU A 34 -9.88 9.54 -24.29
N SER A 35 -10.37 10.28 -25.27
CA SER A 35 -11.82 10.62 -25.30
C SER A 35 -12.61 9.34 -25.60
N GLU A 36 -13.88 9.33 -25.23
CA GLU A 36 -14.73 8.14 -25.49
C GLU A 36 -14.78 7.95 -27.01
N GLU A 37 -14.76 9.04 -27.77
CA GLU A 37 -14.72 8.93 -29.24
C GLU A 37 -13.44 8.18 -29.64
N ASP A 38 -12.30 8.54 -29.03
CA ASP A 38 -11.02 7.86 -29.32
C ASP A 38 -11.14 6.38 -28.95
N ILE A 39 -11.70 6.09 -27.77
CA ILE A 39 -11.84 4.69 -27.30
C ILE A 39 -12.66 3.90 -28.33
N GLU A 40 -13.76 4.47 -28.81
CA GLU A 40 -14.64 3.74 -29.75
C GLU A 40 -13.87 3.50 -31.04
N LYS A 41 -13.08 4.47 -31.47
CA LYS A 41 -12.25 4.30 -32.69
C LYS A 41 -11.30 3.12 -32.46
N ILE A 42 -10.71 3.04 -31.27
CA ILE A 42 -9.80 1.91 -30.92
C ILE A 42 -10.59 0.60 -30.90
N LYS A 43 -11.74 0.59 -30.20
CA LYS A 43 -12.51 -0.67 -30.05
C LYS A 43 -13.04 -1.12 -31.41
N SER A 44 -13.36 -0.17 -32.29
CA SER A 44 -13.94 -0.55 -33.61
C SER A 44 -12.85 -1.20 -34.47
N ALA A 45 -11.64 -0.66 -34.44
CA ALA A 45 -10.57 -1.19 -35.31
C ALA A 45 -10.05 -2.55 -34.82
N LEU A 46 -10.45 -2.97 -33.62
CA LEU A 46 -9.93 -4.23 -33.03
C LEU A 46 -11.01 -5.33 -33.12
N LYS A 47 -11.98 -5.17 -34.01
CA LYS A 47 -13.02 -6.20 -34.20
C LYS A 47 -12.53 -7.21 -35.25
N SER A 48 -11.95 -6.71 -36.33
CA SER A 48 -11.49 -7.60 -37.43
C SER A 48 -10.05 -8.06 -37.17
N THR A 49 -9.37 -7.40 -36.23
CA THR A 49 -7.94 -7.73 -35.97
C THR A 49 -7.62 -7.51 -34.50
N ASN A 50 -6.51 -8.08 -34.04
CA ASN A 50 -6.08 -7.87 -32.63
C ASN A 50 -4.87 -6.93 -32.64
N LYS A 51 -4.56 -6.37 -33.81
CA LYS A 51 -3.43 -5.41 -33.94
C LYS A 51 -3.80 -4.38 -35.00
N ALA A 52 -3.88 -3.10 -34.60
CA ALA A 52 -4.25 -2.03 -35.53
C ALA A 52 -3.56 -0.71 -35.19
N VAL A 53 -3.66 0.26 -36.10
CA VAL A 53 -3.05 1.57 -35.88
C VAL A 53 -4.11 2.62 -36.19
N VAL A 54 -4.41 3.47 -35.21
CA VAL A 54 -5.41 4.51 -35.35
C VAL A 54 -4.75 5.87 -35.17
N THR A 55 -5.45 6.91 -35.62
CA THR A 55 -4.91 8.28 -35.49
C THR A 55 -5.82 9.08 -34.55
N ILE A 56 -5.23 9.80 -33.62
CA ILE A 56 -6.01 10.63 -32.66
C ILE A 56 -5.52 12.06 -32.75
N LYS A 57 -6.43 13.02 -32.61
CA LYS A 57 -6.07 14.44 -32.64
C LYS A 57 -5.90 14.97 -31.23
N ASP A 58 -4.80 15.68 -31.00
CA ASP A 58 -4.55 16.29 -29.69
C ASP A 58 -5.38 17.56 -29.54
N GLU A 59 -5.21 18.23 -28.38
CA GLU A 59 -5.99 19.44 -28.13
C GLU A 59 -5.60 20.56 -29.09
N ASN A 60 -4.35 20.56 -29.56
CA ASN A 60 -3.92 21.54 -30.56
C ASN A 60 -4.50 21.24 -31.93
N GLY A 61 -4.89 19.98 -32.17
CA GLY A 61 -5.45 19.57 -33.47
C GLY A 61 -4.49 18.72 -34.28
N GLU A 62 -3.29 18.49 -33.75
CA GLU A 62 -2.26 17.71 -34.48
C GLU A 62 -2.62 16.22 -34.45
N GLU A 63 -2.28 15.48 -35.51
CA GLU A 63 -2.60 14.04 -35.58
C GLU A 63 -1.56 13.25 -34.77
N ILE A 64 -2.02 12.27 -33.99
CA ILE A 64 -1.09 11.42 -33.19
C ILE A 64 -1.36 9.95 -33.53
N GLU A 65 -0.31 9.24 -33.96
CA GLU A 65 -0.43 7.82 -34.26
C GLU A 65 -0.55 7.03 -32.96
N VAL A 66 -1.44 6.03 -32.96
CA VAL A 66 -1.70 5.21 -31.79
C VAL A 66 -1.70 3.74 -32.21
N GLU A 67 -0.75 2.97 -31.66
CA GLU A 67 -0.74 1.52 -31.92
C GLU A 67 -1.68 0.88 -30.90
N VAL A 68 -2.61 0.04 -31.36
CA VAL A 68 -3.62 -0.56 -30.44
C VAL A 68 -3.60 -2.08 -30.62
N ARG A 69 -3.73 -2.82 -29.53
CA ARG A 69 -3.68 -4.30 -29.60
C ARG A 69 -4.66 -4.93 -28.60
N LEU A 70 -5.36 -5.98 -29.02
CA LEU A 70 -6.26 -6.73 -28.10
C LEU A 70 -5.52 -7.99 -27.68
N LEU A 71 -5.11 -8.09 -26.42
CA LEU A 71 -4.24 -9.23 -26.02
C LEU A 71 -4.66 -9.84 -24.70
N THR A 72 -4.39 -11.14 -24.51
CA THR A 72 -4.60 -11.78 -23.23
C THR A 72 -3.55 -11.30 -22.23
N LEU A 73 -3.71 -11.72 -20.98
CA LEU A 73 -2.76 -11.30 -19.94
C LEU A 73 -1.36 -11.81 -20.26
N GLU A 74 -1.24 -13.06 -20.73
CA GLU A 74 0.07 -13.60 -21.05
C GLU A 74 0.66 -12.93 -22.28
N GLU A 75 -0.17 -12.69 -23.30
CA GLU A 75 0.32 -12.01 -24.50
C GLU A 75 0.71 -10.56 -24.20
N ALA A 76 -0.02 -9.91 -23.30
CA ALA A 76 0.30 -8.52 -22.97
C ALA A 76 1.64 -8.43 -22.21
N LEU A 77 1.92 -9.41 -21.35
CA LEU A 77 3.20 -9.42 -20.65
C LEU A 77 4.35 -9.63 -21.63
N LYS A 78 4.14 -10.46 -22.66
CA LYS A 78 5.17 -10.63 -23.68
C LYS A 78 5.31 -9.36 -24.52
N TYR A 79 4.19 -8.68 -24.77
CA TYR A 79 4.24 -7.39 -25.51
C TYR A 79 5.09 -6.40 -24.70
N ILE A 80 4.88 -6.35 -23.39
CA ILE A 80 5.64 -5.42 -22.56
C ILE A 80 7.12 -5.72 -22.64
N ASN A 81 7.50 -7.00 -22.61
CA ASN A 81 8.91 -7.36 -22.67
C ASN A 81 9.55 -7.02 -24.02
N ASP A 82 8.75 -6.92 -25.09
CA ASP A 82 9.27 -6.59 -26.41
C ASP A 82 9.28 -5.10 -26.71
N LEU A 83 8.90 -4.25 -25.75
CA LEU A 83 8.87 -2.83 -26.00
C LEU A 83 10.27 -2.23 -25.96
N PRO A 84 10.53 -1.20 -26.77
CA PRO A 84 11.83 -0.51 -26.74
C PRO A 84 11.90 0.54 -25.63
N ILE A 85 11.75 0.08 -24.39
CA ILE A 85 11.72 0.96 -23.23
C ILE A 85 12.66 0.40 -22.16
N SER A 86 12.83 1.17 -21.09
CA SER A 86 13.75 0.81 -20.03
C SER A 86 13.21 -0.37 -19.22
N ASN A 87 14.11 -1.03 -18.48
CA ASN A 87 13.72 -2.20 -17.69
C ASN A 87 12.78 -1.80 -16.56
N ASP A 88 12.96 -0.60 -16.04
CA ASP A 88 12.12 -0.10 -14.93
C ASP A 88 10.73 0.20 -15.47
N ALA A 89 10.63 0.66 -16.71
CA ALA A 89 9.32 0.85 -17.31
C ALA A 89 8.62 -0.49 -17.50
N LYS A 90 9.36 -1.52 -17.90
CA LYS A 90 8.75 -2.85 -18.06
C LYS A 90 8.32 -3.42 -16.71
N LYS A 91 9.15 -3.25 -15.68
CA LYS A 91 8.76 -3.71 -14.34
C LYS A 91 7.55 -2.94 -13.82
N LEU A 92 7.50 -1.64 -14.12
CA LEU A 92 6.36 -0.80 -13.68
C LEU A 92 5.08 -1.33 -14.36
N MET A 93 5.15 -1.59 -15.66
CA MET A 93 3.99 -2.08 -16.38
C MET A 93 3.61 -3.49 -15.93
N SER A 94 4.60 -4.37 -15.75
CA SER A 94 4.31 -5.75 -15.40
C SER A 94 3.72 -5.87 -14.00
N ASN A 95 4.21 -5.07 -13.06
CA ASN A 95 3.72 -5.16 -11.69
C ASN A 95 2.32 -4.57 -11.52
N ASN A 96 1.86 -3.75 -12.46
CA ASN A 96 0.57 -3.09 -12.33
C ASN A 96 -0.43 -3.43 -13.43
N ILE A 97 -0.08 -4.32 -14.35
CA ILE A 97 -0.99 -4.62 -15.46
C ILE A 97 -2.25 -5.32 -14.97
N HIS A 98 -2.17 -6.02 -13.83
CA HIS A 98 -3.32 -6.75 -13.33
C HIS A 98 -4.44 -5.82 -12.88
N LYS A 99 -4.10 -4.58 -12.55
CA LYS A 99 -5.11 -3.61 -12.08
C LYS A 99 -6.06 -3.26 -13.22
N ALA A 100 -5.60 -3.39 -14.47
CA ALA A 100 -6.44 -3.05 -15.64
C ALA A 100 -7.45 -4.17 -15.90
N LEU A 101 -7.30 -5.30 -15.22
CA LEU A 101 -8.20 -6.43 -15.47
C LEU A 101 -9.54 -6.26 -14.76
N GLU A 102 -9.59 -5.34 -13.79
CA GLU A 102 -10.86 -5.04 -13.09
C GLU A 102 -11.70 -4.13 -13.99
N PRO A 103 -12.94 -4.52 -14.36
CA PRO A 103 -13.76 -3.71 -15.26
C PRO A 103 -14.00 -2.30 -14.70
N GLY A 104 -13.86 -1.28 -15.55
CA GLY A 104 -14.06 0.11 -15.11
C GLY A 104 -12.76 0.74 -14.63
N ARG A 105 -11.64 0.04 -14.78
CA ARG A 105 -10.34 0.55 -14.28
C ARG A 105 -9.38 0.73 -15.45
N THR A 106 -8.74 1.90 -15.53
CA THR A 106 -7.78 2.17 -16.62
C THR A 106 -6.42 2.55 -16.03
N VAL A 107 -5.35 1.92 -16.50
CA VAL A 107 -3.98 2.21 -16.01
C VAL A 107 -3.20 2.97 -17.08
N VAL A 108 -2.57 4.06 -16.69
CA VAL A 108 -1.83 4.92 -17.65
C VAL A 108 -0.35 4.97 -17.28
N PHE A 109 0.51 4.74 -18.25
CA PHE A 109 1.96 4.85 -18.07
C PHE A 109 2.49 5.91 -19.04
N GLY A 110 3.10 6.95 -18.51
CA GLY A 110 3.60 8.03 -19.37
C GLY A 110 4.84 8.69 -18.81
N PRO A 111 5.27 9.82 -19.40
CA PRO A 111 6.49 10.50 -18.96
C PRO A 111 6.43 10.90 -17.47
N GLU A 112 5.23 11.14 -16.95
CA GLU A 112 5.09 11.61 -15.55
C GLU A 112 5.26 10.43 -14.61
N GLY A 113 4.53 9.35 -14.87
CA GLY A 113 4.56 8.16 -14.00
C GLY A 113 3.39 7.25 -14.28
N CYS A 114 2.86 6.61 -13.25
CA CYS A 114 1.71 5.69 -13.41
C CYS A 114 0.45 6.37 -12.89
N GLU A 115 -0.70 5.94 -13.38
CA GLU A 115 -1.99 6.58 -13.00
C GLU A 115 -3.11 5.55 -13.13
N GLU A 116 -3.89 5.36 -12.06
CA GLU A 116 -5.06 4.45 -12.08
C GLU A 116 -6.34 5.27 -12.13
N ARG A 117 -7.06 5.20 -13.25
CA ARG A 117 -8.35 5.92 -13.36
C ARG A 117 -9.49 4.92 -13.11
N ASP A 118 -9.98 4.88 -11.87
CA ASP A 118 -11.10 3.96 -11.52
C ASP A 118 -12.44 4.59 -11.92
N LYS A 119 -13.48 3.76 -12.09
CA LYS A 119 -14.83 4.24 -12.47
C LYS A 119 -14.70 5.46 -13.39
N GLY A 122 -13.05 9.30 -13.00
CA GLY A 122 -11.83 10.05 -13.32
C GLY A 122 -10.62 9.40 -12.69
N ILE A 123 -9.66 10.21 -12.23
CA ILE A 123 -8.42 9.66 -11.59
C ILE A 123 -8.76 9.16 -10.18
N ILE A 124 -7.96 8.23 -9.68
CA ILE A 124 -8.15 7.74 -8.29
C ILE A 124 -6.76 7.72 -7.67
N LYS A 125 -5.73 7.41 -8.47
CA LYS A 125 -4.36 7.29 -7.90
C LYS A 125 -3.28 7.63 -8.92
N THR A 126 -2.31 8.43 -8.51
CA THR A 126 -1.17 8.81 -9.37
C THR A 126 0.12 8.61 -8.57
N PHE A 127 1.13 7.98 -9.19
CA PHE A 127 2.45 7.82 -8.54
C PHE A 127 3.47 8.38 -9.51
N SER A 128 4.37 9.23 -9.05
CA SER A 128 5.34 9.86 -9.97
C SER A 128 6.66 9.12 -9.92
N THR A 129 7.11 8.56 -11.04
CA THR A 129 8.44 7.89 -11.13
C THR A 129 8.99 8.16 -12.52
N ASP A 130 10.30 8.35 -12.67
CA ASP A 130 10.78 8.55 -14.05
C ASP A 130 11.29 7.22 -14.54
N VAL A 131 10.68 6.70 -15.60
CA VAL A 131 11.12 5.42 -16.20
C VAL A 131 11.56 5.73 -17.63
N LYS A 132 11.87 7.01 -17.89
CA LYS A 132 12.38 7.39 -19.23
C LYS A 132 11.35 7.18 -20.34
N LEU A 133 10.07 7.20 -20.01
CA LEU A 133 9.03 7.00 -21.01
C LEU A 133 8.79 8.27 -21.80
N ASP A 134 8.81 8.18 -23.12
CA ASP A 134 8.57 9.35 -24.02
C ASP A 134 7.20 9.22 -24.67
N GLU A 135 6.48 8.14 -24.35
CA GLU A 135 5.15 7.88 -24.93
C GLU A 135 4.18 7.49 -23.82
N THR A 136 2.91 7.33 -24.15
CA THR A 136 1.87 7.06 -23.16
C THR A 136 1.17 5.76 -23.50
N TYR A 137 1.01 4.90 -22.50
CA TYR A 137 0.40 3.58 -22.67
C TYR A 137 -0.86 3.50 -21.82
N PHE A 138 -1.95 3.08 -22.46
CA PHE A 138 -3.25 2.95 -21.76
C PHE A 138 -3.65 1.47 -21.70
N PHE A 139 -3.85 0.96 -20.50
CA PHE A 139 -4.28 -0.42 -20.29
C PHE A 139 -5.72 -0.42 -19.78
N PHE A 140 -6.58 -1.18 -20.43
CA PHE A 140 -8.01 -1.27 -20.03
C PHE A 140 -8.69 -2.54 -20.53
N ARG A 141 -9.43 -3.19 -19.64
CA ARG A 141 -10.16 -4.42 -20.00
C ARG A 141 -11.26 -4.04 -20.99
N VAL A 142 -11.61 -4.96 -21.86
CA VAL A 142 -12.67 -4.72 -22.81
C VAL A 142 -13.75 -5.79 -22.69
N MET B 19 9.32 17.60 17.78
CA MET B 19 8.99 17.68 16.35
C MET B 19 7.79 18.61 16.23
N LYS B 20 7.91 19.65 15.41
CA LYS B 20 6.75 20.55 15.21
C LYS B 20 6.41 20.61 13.72
N LEU B 21 5.12 20.64 13.41
CA LEU B 21 4.68 20.73 12.01
C LEU B 21 4.08 22.10 11.73
N VAL B 22 4.15 22.53 10.48
CA VAL B 22 3.49 23.74 10.04
C VAL B 22 2.21 23.36 9.33
N ILE B 23 1.09 23.91 9.79
CA ILE B 23 -0.21 23.69 9.17
C ILE B 23 -0.62 24.98 8.49
N ALA B 24 -0.63 24.98 7.16
CA ALA B 24 -1.01 26.14 6.37
C ALA B 24 -2.41 25.93 5.81
N ARG B 25 -3.36 26.72 6.27
CA ARG B 25 -4.74 26.63 5.76
C ARG B 25 -4.95 27.74 4.73
N VAL B 26 -4.89 27.38 3.47
CA VAL B 26 -5.08 28.39 2.39
C VAL B 26 -6.57 28.48 2.10
N LYS B 27 -7.15 29.65 2.38
CA LYS B 27 -8.60 29.84 2.21
C LYS B 27 -8.95 30.10 0.74
N SER B 28 -8.59 29.16 -0.13
CA SER B 28 -8.89 29.31 -1.57
C SER B 28 -9.01 27.90 -2.13
N PRO B 29 -10.02 27.62 -2.97
CA PRO B 29 -10.15 26.31 -3.62
C PRO B 29 -9.29 26.12 -4.86
N LYS B 30 -8.51 27.13 -5.26
CA LYS B 30 -7.73 27.08 -6.50
C LYS B 30 -6.28 27.46 -6.21
N VAL B 31 -5.66 26.76 -5.28
CA VAL B 31 -4.21 26.94 -5.01
C VAL B 31 -3.64 25.53 -4.93
N LYS B 32 -2.77 25.16 -5.86
CA LYS B 32 -2.26 23.77 -5.92
C LYS B 32 -1.00 23.66 -5.06
N ARG B 33 -0.23 24.74 -4.97
CA ARG B 33 1.04 24.61 -4.24
C ARG B 33 1.46 25.96 -3.71
N LEU B 34 2.43 25.96 -2.81
CA LEU B 34 2.97 27.22 -2.27
C LEU B 34 4.34 27.43 -2.91
N SER B 35 4.69 28.68 -3.16
CA SER B 35 6.02 28.99 -3.71
C SER B 35 7.03 29.06 -2.56
N GLU B 36 8.32 28.95 -2.89
CA GLU B 36 9.35 29.12 -1.88
C GLU B 36 9.30 30.50 -1.26
N GLU B 37 8.82 31.50 -2.02
CA GLU B 37 8.58 32.82 -1.45
C GLU B 37 7.45 32.78 -0.44
N ASP B 38 6.38 32.07 -0.75
CA ASP B 38 5.27 31.94 0.20
C ASP B 38 5.66 31.10 1.40
N ILE B 39 6.43 30.03 1.17
CA ILE B 39 6.86 29.17 2.28
C ILE B 39 7.73 29.95 3.25
N GLU B 40 8.67 30.76 2.72
CA GLU B 40 9.52 31.56 3.59
C GLU B 40 8.73 32.66 4.29
N LYS B 41 7.65 33.13 3.68
CA LYS B 41 6.79 34.14 4.36
C LYS B 41 6.06 33.44 5.51
N ILE B 42 5.68 32.18 5.32
CA ILE B 42 5.03 31.44 6.39
C ILE B 42 6.00 31.19 7.53
N LYS B 43 7.21 30.72 7.21
CA LYS B 43 8.20 30.44 8.24
C LYS B 43 8.63 31.71 8.97
N SER B 44 8.64 32.84 8.29
CA SER B 44 9.01 34.10 8.95
C SER B 44 7.93 34.54 9.93
N ALA B 45 6.66 34.37 9.58
CA ALA B 45 5.57 34.80 10.49
C ALA B 45 5.50 33.91 11.72
N LEU B 46 5.98 32.67 11.63
CA LEU B 46 5.92 31.74 12.75
C LEU B 46 7.17 31.80 13.63
N LYS B 47 8.00 32.83 13.46
CA LYS B 47 9.20 32.96 14.27
C LYS B 47 8.88 33.46 15.67
N SER B 48 8.11 34.54 15.77
CA SER B 48 7.77 35.14 17.05
C SER B 48 6.49 34.59 17.66
N THR B 49 5.80 33.69 16.97
CA THR B 49 4.55 33.14 17.48
C THR B 49 4.28 31.81 16.81
N ASN B 50 3.47 30.98 17.46
CA ASN B 50 3.05 29.69 16.93
C ASN B 50 1.71 29.76 16.22
N LYS B 51 1.22 30.96 15.93
CA LYS B 51 -0.09 31.13 15.30
C LYS B 51 -0.12 32.50 14.64
N ALA B 52 -0.29 32.47 13.32
CA ALA B 52 -0.25 33.74 12.57
C ALA B 52 -1.14 33.68 11.34
N VAL B 53 -1.24 34.81 10.66
CA VAL B 53 -2.04 34.91 9.45
C VAL B 53 -1.24 35.67 8.40
N VAL B 54 -1.10 35.05 7.23
CA VAL B 54 -0.29 35.66 6.15
C VAL B 54 -1.20 35.87 4.94
N THR B 55 -0.73 36.63 3.96
CA THR B 55 -1.51 36.84 2.72
C THR B 55 -0.67 36.29 1.56
N ILE B 56 -1.30 35.50 0.71
CA ILE B 56 -0.59 34.93 -0.47
C ILE B 56 -1.44 35.31 -1.68
N LYS B 57 -0.79 35.76 -2.75
CA LYS B 57 -1.54 36.22 -3.95
C LYS B 57 -1.61 35.08 -4.97
N ASP B 58 -2.69 35.02 -5.74
CA ASP B 58 -2.82 33.98 -6.79
C ASP B 58 -2.64 34.64 -8.16
N GLU B 59 -1.66 34.21 -8.94
CA GLU B 59 -1.48 34.73 -10.32
C GLU B 59 -2.08 36.14 -10.42
N GLU B 62 -4.77 37.47 -7.05
CA GLU B 62 -5.94 37.56 -6.14
C GLU B 62 -5.42 37.30 -4.73
N GLU B 63 -5.71 38.21 -3.81
CA GLU B 63 -5.22 38.05 -2.41
C GLU B 63 -5.95 36.88 -1.76
N ILE B 64 -5.20 35.95 -1.16
CA ILE B 64 -5.81 34.80 -0.44
C ILE B 64 -5.20 34.73 0.96
N GLU B 65 -6.04 34.75 1.98
CA GLU B 65 -5.56 34.71 3.38
C GLU B 65 -5.10 33.29 3.71
N VAL B 66 -4.02 33.18 4.48
CA VAL B 66 -3.56 31.84 4.89
C VAL B 66 -3.38 31.81 6.41
N GLU B 67 -4.08 30.89 7.07
CA GLU B 67 -3.88 30.69 8.53
C GLU B 67 -2.73 29.71 8.69
N VAL B 68 -1.73 30.06 9.48
CA VAL B 68 -0.55 29.24 9.67
C VAL B 68 -0.37 28.99 11.17
N ARG B 69 0.07 27.79 11.51
CA ARG B 69 0.29 27.41 12.91
C ARG B 69 1.47 26.46 13.00
N LEU B 70 2.20 26.55 14.11
CA LEU B 70 3.29 25.65 14.42
C LEU B 70 2.85 24.76 15.58
N LEU B 71 2.62 23.49 15.30
CA LEU B 71 2.03 22.58 16.25
C LEU B 71 2.85 21.29 16.35
N THR B 72 2.80 20.68 17.53
CA THR B 72 3.30 19.32 17.68
C THR B 72 2.32 18.35 17.02
N LEU B 73 2.72 17.08 16.95
CA LEU B 73 1.86 16.06 16.35
C LEU B 73 0.55 15.93 17.11
N GLU B 74 0.61 15.98 18.44
CA GLU B 74 -0.60 15.89 19.23
C GLU B 74 -1.47 17.14 19.10
N GLU B 75 -0.83 18.32 19.05
CA GLU B 75 -1.58 19.55 18.87
C GLU B 75 -2.19 19.63 17.48
N ALA B 76 -1.52 19.07 16.46
CA ALA B 76 -2.04 19.11 15.11
C ALA B 76 -3.26 18.21 14.95
N LEU B 77 -3.24 17.04 15.60
CA LEU B 77 -4.40 16.16 15.56
C LEU B 77 -5.60 16.80 16.25
N LYS B 78 -5.35 17.54 17.35
CA LYS B 78 -6.41 18.28 17.99
C LYS B 78 -6.93 19.40 17.10
N TYR B 79 -6.02 20.06 16.38
CA TYR B 79 -6.42 21.09 15.43
C TYR B 79 -7.30 20.52 14.33
N ILE B 80 -6.95 19.33 13.82
CA ILE B 80 -7.73 18.70 12.77
C ILE B 80 -9.14 18.40 13.25
N ASN B 81 -9.27 17.90 14.48
CA ASN B 81 -10.59 17.60 15.02
C ASN B 81 -11.43 18.86 15.21
N ASP B 82 -10.80 20.02 15.40
CA ASP B 82 -11.53 21.26 15.57
C ASP B 82 -11.92 21.92 14.26
N LEU B 83 -11.48 21.38 13.12
CA LEU B 83 -11.74 22.04 11.85
C LEU B 83 -13.22 21.93 11.47
N PRO B 84 -13.75 22.92 10.78
CA PRO B 84 -15.15 22.86 10.30
C PRO B 84 -15.26 22.15 8.95
N ILE B 85 -14.92 20.86 8.96
CA ILE B 85 -14.88 20.03 7.76
C ILE B 85 -15.55 18.69 8.07
N SER B 86 -15.70 17.87 7.04
CA SER B 86 -16.40 16.60 7.17
C SER B 86 -15.55 15.58 7.94
N ASN B 87 -16.21 14.52 8.40
CA ASN B 87 -15.50 13.47 9.11
C ASN B 87 -14.53 12.73 8.19
N ASP B 88 -14.91 12.53 6.93
CA ASP B 88 -14.03 11.87 5.99
C ASP B 88 -12.77 12.69 5.74
N ALA B 89 -12.89 14.02 5.72
CA ALA B 89 -11.73 14.87 5.56
C ALA B 89 -10.82 14.81 6.78
N LYS B 90 -11.40 14.77 7.98
CA LYS B 90 -10.60 14.69 9.19
C LYS B 90 -9.85 13.37 9.26
N LYS B 91 -10.51 12.27 8.91
CA LYS B 91 -9.83 10.97 8.93
C LYS B 91 -8.74 10.90 7.86
N LEU B 92 -8.97 11.55 6.72
CA LEU B 92 -7.94 11.58 5.68
C LEU B 92 -6.71 12.34 6.15
N MET B 93 -6.91 13.51 6.78
CA MET B 93 -5.79 14.25 7.34
C MET B 93 -5.13 13.48 8.48
N SER B 94 -5.91 12.88 9.35
CA SER B 94 -5.36 12.20 10.54
C SER B 94 -4.54 10.97 10.14
N ASN B 95 -5.02 10.22 9.16
CA ASN B 95 -4.34 9.01 8.75
C ASN B 95 -3.09 9.28 7.90
N ASN B 96 -2.93 10.49 7.38
CA ASN B 96 -1.77 10.80 6.55
C ASN B 96 -0.89 11.90 7.12
N ILE B 97 -1.18 12.41 8.33
CA ILE B 97 -0.41 13.52 8.87
C ILE B 97 1.01 13.11 9.20
N HIS B 98 1.23 11.83 9.51
CA HIS B 98 2.57 11.37 9.88
C HIS B 98 3.55 11.42 8.72
N LYS B 99 3.06 11.39 7.48
CA LYS B 99 3.93 11.49 6.32
C LYS B 99 4.56 12.86 6.19
N ALA B 100 3.97 13.88 6.79
CA ALA B 100 4.58 15.23 6.72
C ALA B 100 5.75 15.37 7.70
N LEU B 101 6.00 14.34 8.50
CA LEU B 101 7.08 14.43 9.51
C LEU B 101 8.40 14.02 8.87
N GLU B 102 8.35 13.46 7.66
CA GLU B 102 9.60 13.13 6.99
C GLU B 102 10.27 14.40 6.48
N PRO B 103 11.60 14.47 6.51
CA PRO B 103 12.29 15.68 6.05
C PRO B 103 12.02 15.95 4.57
N GLY B 104 11.68 17.20 4.27
CA GLY B 104 11.41 17.62 2.91
C GLY B 104 10.06 17.23 2.36
N ARG B 105 9.25 16.54 3.18
CA ARG B 105 7.94 16.04 2.71
C ARG B 105 6.82 17.01 3.07
N THR B 106 5.91 17.25 2.12
CA THR B 106 4.75 18.11 2.33
C THR B 106 3.51 17.37 1.86
N VAL B 107 2.48 17.36 2.69
CA VAL B 107 1.21 16.70 2.39
C VAL B 107 0.15 17.77 2.16
N VAL B 108 -0.61 17.64 1.08
CA VAL B 108 -1.59 18.62 0.67
C VAL B 108 -2.98 18.00 0.70
N PHE B 109 -3.95 18.74 1.24
CA PHE B 109 -5.35 18.33 1.26
C PHE B 109 -6.18 19.44 0.66
N GLY B 110 -6.93 19.13 -0.41
CA GLY B 110 -7.74 20.12 -1.08
C GLY B 110 -8.97 19.54 -1.73
N PRO B 111 -9.63 20.32 -2.59
CA PRO B 111 -10.82 19.81 -3.29
C PRO B 111 -10.54 18.60 -4.15
N GLU B 112 -9.32 18.44 -4.66
CA GLU B 112 -8.96 17.25 -5.42
C GLU B 112 -8.86 16.03 -4.51
N GLY B 113 -8.08 16.13 -3.44
CA GLY B 113 -7.84 15.01 -2.55
C GLY B 113 -6.56 15.16 -1.76
N CYS B 114 -5.83 14.04 -1.64
CA CYS B 114 -4.54 14.07 -0.90
C CYS B 114 -3.39 14.14 -1.90
N GLU B 115 -2.24 14.63 -1.46
CA GLU B 115 -1.09 14.81 -2.33
C GLU B 115 0.18 14.90 -1.49
N GLU B 116 1.13 14.01 -1.75
CA GLU B 116 2.45 14.06 -1.08
C GLU B 116 3.47 14.69 -2.03
N ARG B 117 4.35 15.55 -1.51
CA ARG B 117 5.33 16.26 -2.38
C ARG B 117 6.73 16.27 -1.74
N ASP B 118 7.77 16.29 -2.56
CA ASP B 118 9.17 16.39 -2.07
C ASP B 118 9.66 17.81 -2.35
N LYS B 119 10.19 18.49 -1.34
CA LYS B 119 10.61 19.91 -1.50
C LYS B 119 11.39 20.12 -2.80
N ASN B 120 12.10 19.10 -3.27
CA ASN B 120 12.95 19.28 -4.47
C ASN B 120 12.35 18.51 -5.64
N ARG B 121 11.96 17.26 -5.43
CA ARG B 121 11.46 16.39 -6.53
C ARG B 121 10.05 16.76 -7.00
N GLY B 122 9.25 17.52 -6.31
CA GLY B 122 7.84 17.84 -6.58
C GLY B 122 6.89 16.77 -6.13
N ILE B 123 5.89 16.44 -6.95
CA ILE B 123 4.83 15.46 -6.55
C ILE B 123 5.39 14.05 -6.53
N ILE B 124 4.90 13.24 -5.61
CA ILE B 124 5.33 11.83 -5.48
C ILE B 124 4.07 10.97 -5.55
N LYS B 125 3.05 11.24 -4.72
CA LYS B 125 1.82 10.43 -4.88
C LYS B 125 0.59 11.34 -4.94
N THR B 126 -0.48 10.84 -5.53
CA THR B 126 -1.77 11.58 -5.57
C THR B 126 -2.90 10.60 -5.37
N PHE B 127 -3.85 10.96 -4.50
CA PHE B 127 -5.06 10.13 -4.29
C PHE B 127 -6.25 11.07 -4.46
N SER B 128 -7.03 10.89 -5.53
CA SER B 128 -8.11 11.87 -5.82
C SER B 128 -9.44 11.41 -5.24
N THR B 129 -9.65 11.60 -3.94
CA THR B 129 -10.95 11.33 -3.31
C THR B 129 -11.62 12.66 -3.01
N ASP B 130 -12.95 12.67 -2.95
CA ASP B 130 -13.73 13.87 -2.70
C ASP B 130 -14.19 13.84 -1.24
N VAL B 131 -13.69 14.78 -0.45
CA VAL B 131 -14.04 14.89 0.96
C VAL B 131 -14.69 16.23 1.25
N LYS B 132 -15.29 16.86 0.22
CA LYS B 132 -16.07 18.09 0.36
C LYS B 132 -15.22 19.25 0.86
N LEU B 133 -13.92 19.23 0.58
CA LEU B 133 -13.04 20.32 0.98
C LEU B 133 -13.15 21.47 -0.01
N ASP B 134 -13.40 22.67 0.50
CA ASP B 134 -13.44 23.88 -0.32
C ASP B 134 -12.19 24.73 -0.14
N GLU B 135 -11.28 24.28 0.73
CA GLU B 135 -10.01 25.00 0.98
C GLU B 135 -8.85 24.01 0.87
N THR B 136 -7.62 24.51 0.97
CA THR B 136 -6.42 23.71 0.79
C THR B 136 -5.56 23.77 2.05
N TYR B 137 -5.06 22.62 2.49
CA TYR B 137 -4.26 22.50 3.69
C TYR B 137 -2.89 21.94 3.35
N PHE B 138 -1.87 22.61 3.88
CA PHE B 138 -0.48 22.17 3.63
C PHE B 138 0.18 21.77 4.95
N PHE B 139 0.60 20.51 5.05
CA PHE B 139 1.30 20.00 6.21
C PHE B 139 2.76 19.79 5.84
N PHE B 140 3.65 20.41 6.62
CA PHE B 140 5.11 20.28 6.37
C PHE B 140 5.92 20.53 7.64
N ARG B 141 7.00 19.77 7.82
CA ARG B 141 7.86 19.90 9.03
C ARG B 141 8.69 21.19 8.93
N VAL B 142 9.06 21.76 10.08
CA VAL B 142 9.86 23.02 10.10
C VAL B 142 11.33 22.68 10.36
N MET C 19 7.39 -8.69 -7.84
CA MET C 19 6.04 -9.09 -7.35
C MET C 19 5.84 -10.56 -7.68
N LYS C 20 5.92 -11.44 -6.67
CA LYS C 20 5.89 -12.88 -7.01
C LYS C 20 4.72 -13.58 -6.31
N LEU C 21 4.30 -14.72 -6.85
CA LEU C 21 3.16 -15.47 -6.28
C LEU C 21 3.64 -16.84 -5.81
N VAL C 22 2.96 -17.42 -4.82
CA VAL C 22 3.27 -18.77 -4.37
C VAL C 22 2.27 -19.72 -4.99
N ILE C 23 2.77 -20.76 -5.66
CA ILE C 23 1.94 -21.79 -6.27
C ILE C 23 2.21 -23.09 -5.53
N ALA C 24 1.18 -23.62 -4.86
CA ALA C 24 1.29 -24.84 -4.08
C ALA C 24 0.50 -25.94 -4.78
N ARG C 25 1.22 -26.91 -5.36
CA ARG C 25 0.59 -28.08 -6.04
C ARG C 25 0.50 -29.25 -5.05
N VAL C 26 -0.65 -29.39 -4.40
CA VAL C 26 -0.88 -30.46 -3.44
C VAL C 26 -1.25 -31.71 -4.23
N LYS C 27 -0.37 -32.71 -4.21
CA LYS C 27 -0.56 -33.96 -4.97
C LYS C 27 -1.59 -34.85 -4.28
N SER C 28 -2.80 -34.32 -4.09
CA SER C 28 -3.85 -35.11 -3.38
C SER C 28 -5.25 -34.61 -3.77
N PRO C 29 -6.23 -35.51 -3.99
CA PRO C 29 -7.58 -35.10 -4.34
C PRO C 29 -8.41 -34.74 -3.09
N LYS C 30 -7.84 -34.93 -1.90
CA LYS C 30 -8.62 -34.69 -0.66
C LYS C 30 -8.20 -33.36 -0.02
N VAL C 31 -6.91 -33.18 0.24
CA VAL C 31 -6.43 -31.95 0.94
C VAL C 31 -7.13 -30.74 0.32
N LYS C 32 -7.85 -29.95 1.12
CA LYS C 32 -8.65 -28.84 0.55
C LYS C 32 -8.31 -27.52 1.24
N ARG C 33 -7.31 -27.50 2.11
CA ARG C 33 -6.89 -26.22 2.73
C ARG C 33 -5.46 -26.39 3.26
N LEU C 34 -4.75 -25.28 3.42
CA LEU C 34 -3.35 -25.33 3.89
C LEU C 34 -3.26 -24.66 5.27
N SER C 35 -2.44 -25.19 6.16
CA SER C 35 -2.44 -24.78 7.59
C SER C 35 -1.37 -23.70 7.84
N GLU C 36 -1.60 -22.84 8.81
CA GLU C 36 -0.64 -21.75 9.11
C GLU C 36 0.75 -22.36 9.19
N GLU C 37 0.85 -23.52 9.83
CA GLU C 37 2.16 -24.19 9.94
C GLU C 37 2.61 -24.54 8.54
N ASP C 38 1.68 -25.00 7.71
CA ASP C 38 2.01 -25.42 6.33
C ASP C 38 2.40 -24.20 5.50
N ILE C 39 1.61 -23.14 5.57
CA ILE C 39 1.96 -21.89 4.82
C ILE C 39 3.34 -21.44 5.30
N GLU C 40 3.61 -21.57 6.60
CA GLU C 40 4.90 -21.14 7.16
C GLU C 40 6.00 -22.02 6.57
N LYS C 41 5.78 -23.33 6.60
CA LYS C 41 6.78 -24.26 6.04
C LYS C 41 7.05 -23.83 4.60
N ILE C 42 5.99 -23.53 3.86
CA ILE C 42 6.17 -23.20 2.42
C ILE C 42 6.97 -21.90 2.31
N LYS C 43 6.52 -20.86 3.01
CA LYS C 43 7.24 -19.57 3.00
C LYS C 43 8.71 -19.87 3.29
N SER C 44 8.96 -20.60 4.37
CA SER C 44 10.36 -20.89 4.77
C SER C 44 11.07 -21.65 3.66
N ALA C 45 10.39 -22.62 3.07
CA ALA C 45 11.06 -23.48 2.07
C ALA C 45 11.48 -22.67 0.85
N LEU C 46 10.92 -21.48 0.66
CA LEU C 46 11.21 -20.73 -0.58
C LEU C 46 11.96 -19.44 -0.27
N LYS C 47 12.37 -19.24 0.98
CA LYS C 47 13.13 -18.02 1.37
C LYS C 47 14.51 -18.07 0.71
N SER C 48 14.97 -19.27 0.33
CA SER C 48 16.29 -19.40 -0.30
C SER C 48 16.15 -19.86 -1.75
N THR C 49 15.06 -20.56 -2.08
CA THR C 49 14.88 -21.10 -3.46
C THR C 49 13.53 -20.64 -4.03
N ASN C 50 13.37 -20.76 -5.35
CA ASN C 50 12.09 -20.39 -5.99
C ASN C 50 11.39 -21.68 -6.40
N LYS C 51 11.80 -22.79 -5.80
CA LYS C 51 11.26 -24.10 -6.16
C LYS C 51 11.64 -25.08 -5.06
N ALA C 52 10.62 -25.63 -4.39
CA ALA C 52 10.86 -26.55 -3.27
C ALA C 52 9.77 -27.63 -3.21
N VAL C 53 9.99 -28.66 -2.41
CA VAL C 53 8.94 -29.70 -2.19
C VAL C 53 8.75 -29.85 -0.69
N VAL C 54 7.53 -29.72 -0.21
CA VAL C 54 7.25 -29.83 1.24
C VAL C 54 6.29 -31.00 1.46
N THR C 55 5.97 -31.30 2.72
CA THR C 55 5.05 -32.39 3.05
C THR C 55 4.17 -31.94 4.20
N ILE C 56 2.88 -31.74 3.93
CA ILE C 56 1.92 -31.33 4.98
C ILE C 56 1.07 -32.56 5.32
N LYS C 57 0.22 -32.47 6.35
CA LYS C 57 -0.59 -33.64 6.76
C LYS C 57 -2.03 -33.21 7.01
N ASP C 58 -3.01 -33.96 6.50
CA ASP C 58 -4.44 -33.57 6.63
C ASP C 58 -5.33 -34.79 6.84
N GLU C 59 -6.27 -34.73 7.79
CA GLU C 59 -7.25 -35.82 8.02
C GLU C 59 -6.58 -37.10 8.54
N ASN C 60 -5.31 -37.33 8.20
CA ASN C 60 -4.63 -38.58 8.60
C ASN C 60 -3.11 -38.38 8.50
N GLY C 61 -2.34 -39.37 8.96
CA GLY C 61 -0.87 -39.28 8.87
C GLY C 61 -0.41 -39.50 7.45
N ILE C 64 1.49 -35.82 2.37
CA ILE C 64 1.22 -35.56 0.92
C ILE C 64 2.32 -34.65 0.37
N GLU C 65 2.98 -35.07 -0.71
CA GLU C 65 4.04 -34.24 -1.33
C GLU C 65 3.41 -32.98 -1.92
N VAL C 66 3.96 -31.80 -1.62
CA VAL C 66 3.39 -30.52 -2.11
C VAL C 66 4.48 -29.72 -2.84
N GLU C 67 4.37 -29.60 -4.16
CA GLU C 67 5.36 -28.85 -4.96
C GLU C 67 5.07 -27.36 -4.76
N VAL C 68 6.10 -26.58 -4.42
CA VAL C 68 5.89 -25.14 -4.11
C VAL C 68 6.84 -24.33 -5.00
N ARG C 69 6.39 -23.16 -5.44
CA ARG C 69 7.21 -22.32 -6.30
C ARG C 69 6.88 -20.86 -6.02
N LEU C 70 7.90 -20.00 -6.13
CA LEU C 70 7.66 -18.53 -6.01
C LEU C 70 7.90 -17.97 -7.40
N LEU C 71 6.84 -17.54 -8.09
CA LEU C 71 7.00 -17.13 -9.50
C LEU C 71 6.39 -15.76 -9.77
N THR C 72 6.88 -15.07 -10.81
CA THR C 72 6.26 -13.78 -11.21
C THR C 72 4.96 -14.12 -11.95
N LEU C 73 4.17 -13.10 -12.30
CA LEU C 73 2.92 -13.34 -13.02
C LEU C 73 3.19 -13.99 -14.38
N GLU C 74 4.23 -13.54 -15.08
CA GLU C 74 4.56 -14.15 -16.37
C GLU C 74 5.08 -15.57 -16.19
N GLU C 75 5.89 -15.79 -15.16
CA GLU C 75 6.42 -17.15 -14.89
C GLU C 75 5.26 -18.08 -14.50
N ALA C 76 4.35 -17.60 -13.66
CA ALA C 76 3.25 -18.43 -13.19
C ALA C 76 2.31 -18.80 -14.34
N LEU C 77 2.11 -17.89 -15.29
CA LEU C 77 1.26 -18.21 -16.43
C LEU C 77 1.93 -19.24 -17.34
N LYS C 78 3.26 -19.17 -17.48
CA LYS C 78 3.96 -20.17 -18.27
C LYS C 78 3.97 -21.52 -17.55
N TYR C 79 4.07 -21.50 -16.22
CA TYR C 79 4.01 -22.75 -15.46
C TYR C 79 2.65 -23.42 -15.60
N ILE C 80 1.57 -22.62 -15.59
CA ILE C 80 0.23 -23.18 -15.77
C ILE C 80 0.09 -23.81 -17.15
N ASN C 81 0.64 -23.15 -18.17
CA ASN C 81 0.51 -23.65 -19.53
C ASN C 81 1.29 -24.94 -19.74
N ASP C 82 2.34 -25.16 -18.96
CA ASP C 82 3.18 -26.34 -19.11
C ASP C 82 2.68 -27.54 -18.30
N LEU C 83 1.68 -27.36 -17.45
CA LEU C 83 1.19 -28.46 -16.63
C LEU C 83 0.54 -29.52 -17.50
N PRO C 84 0.68 -30.80 -17.15
CA PRO C 84 0.00 -31.87 -17.90
C PRO C 84 -1.44 -32.09 -17.41
N ILE C 85 -2.27 -31.06 -17.58
CA ILE C 85 -3.66 -31.10 -17.16
C ILE C 85 -4.52 -30.71 -18.36
N SER C 86 -5.83 -30.66 -18.11
CA SER C 86 -6.83 -30.25 -19.13
C SER C 86 -6.62 -28.79 -19.53
N ASN C 87 -6.83 -28.50 -20.79
CA ASN C 87 -6.72 -27.10 -21.23
C ASN C 87 -7.79 -26.24 -20.58
N ASP C 88 -8.94 -26.83 -20.26
CA ASP C 88 -10.01 -26.08 -19.56
C ASP C 88 -9.49 -25.63 -18.19
N ALA C 89 -8.93 -26.52 -17.39
CA ALA C 89 -8.32 -26.13 -16.10
C ALA C 89 -7.30 -25.02 -16.34
N LYS C 90 -6.45 -25.16 -17.36
CA LYS C 90 -5.44 -24.13 -17.59
C LYS C 90 -6.09 -22.76 -17.80
N LYS C 91 -7.14 -22.71 -18.64
CA LYS C 91 -7.82 -21.46 -18.89
C LYS C 91 -8.49 -20.93 -17.63
N LEU C 92 -9.01 -21.82 -16.79
CA LEU C 92 -9.65 -21.39 -15.54
C LEU C 92 -8.60 -20.83 -14.58
N MET C 93 -7.40 -21.41 -14.55
CA MET C 93 -6.34 -20.87 -13.70
C MET C 93 -5.79 -19.57 -14.26
N SER C 94 -5.68 -19.47 -15.59
CA SER C 94 -5.09 -18.29 -16.20
C SER C 94 -6.01 -17.08 -16.09
N ASN C 95 -7.32 -17.28 -16.12
CA ASN C 95 -8.25 -16.17 -16.05
C ASN C 95 -8.49 -15.67 -14.63
N ASN C 96 -8.01 -16.38 -13.61
CA ASN C 96 -8.25 -15.99 -12.23
C ASN C 96 -6.98 -15.87 -11.39
N ILE C 97 -5.80 -16.14 -11.97
CA ILE C 97 -4.58 -16.12 -11.18
C ILE C 97 -4.25 -14.70 -10.71
N HIS C 98 -4.68 -13.68 -11.46
CA HIS C 98 -4.41 -12.30 -11.07
C HIS C 98 -5.09 -11.93 -9.77
N LYS C 99 -6.15 -12.64 -9.39
CA LYS C 99 -6.84 -12.34 -8.14
C LYS C 99 -5.96 -12.63 -6.93
N ALA C 100 -5.02 -13.56 -7.07
CA ALA C 100 -4.12 -13.90 -5.97
C ALA C 100 -3.07 -12.82 -5.70
N LEU C 101 -2.99 -11.80 -6.55
CA LEU C 101 -2.04 -10.72 -6.32
C LEU C 101 -2.49 -9.75 -5.24
N GLU C 102 -3.79 -9.70 -4.94
CA GLU C 102 -4.28 -8.81 -3.90
C GLU C 102 -3.92 -9.36 -2.53
N PRO C 103 -3.65 -8.49 -1.56
CA PRO C 103 -3.27 -8.97 -0.22
C PRO C 103 -4.41 -9.75 0.43
N GLY C 104 -4.07 -10.90 0.99
CA GLY C 104 -5.04 -11.73 1.69
C GLY C 104 -5.88 -12.63 0.80
N ARG C 105 -5.80 -12.47 -0.52
CA ARG C 105 -6.62 -13.27 -1.44
C ARG C 105 -5.90 -14.57 -1.78
N THR C 106 -6.65 -15.66 -1.70
CA THR C 106 -6.13 -16.99 -2.04
C THR C 106 -7.05 -17.62 -3.09
N VAL C 107 -6.48 -18.21 -4.12
CA VAL C 107 -7.24 -18.88 -5.17
C VAL C 107 -6.91 -20.36 -5.12
N VAL C 108 -7.95 -21.19 -5.12
CA VAL C 108 -7.82 -22.64 -4.97
C VAL C 108 -8.49 -23.30 -6.18
N PHE C 109 -7.81 -24.27 -6.78
CA PHE C 109 -8.35 -25.06 -7.88
C PHE C 109 -8.22 -26.53 -7.51
N GLY C 110 -9.33 -27.27 -7.55
CA GLY C 110 -9.34 -28.66 -7.17
C GLY C 110 -10.32 -29.50 -7.96
N PRO C 111 -10.48 -30.78 -7.60
CA PRO C 111 -11.42 -31.63 -8.30
C PRO C 111 -12.87 -31.14 -8.24
N GLU C 112 -13.21 -30.35 -7.23
CA GLU C 112 -14.61 -29.89 -7.03
C GLU C 112 -14.79 -28.54 -7.73
N GLY C 113 -13.69 -27.88 -8.05
CA GLY C 113 -13.81 -26.63 -8.80
C GLY C 113 -12.92 -25.57 -8.19
N CYS C 114 -13.23 -24.31 -8.46
CA CYS C 114 -12.36 -23.22 -7.97
C CYS C 114 -12.95 -22.54 -6.74
N GLU C 115 -12.11 -21.86 -5.99
CA GLU C 115 -12.54 -21.18 -4.77
C GLU C 115 -11.70 -19.93 -4.56
N GLU C 116 -12.36 -18.79 -4.34
CA GLU C 116 -11.66 -17.52 -4.11
C GLU C 116 -11.84 -17.11 -2.65
N ARG C 117 -10.74 -16.94 -1.91
CA ARG C 117 -10.82 -16.60 -0.46
C ARG C 117 -10.19 -15.23 -0.22
N ASP C 118 -11.01 -14.19 -0.01
CA ASP C 118 -10.49 -12.83 0.30
C ASP C 118 -10.57 -12.62 1.82
N LYS C 119 -9.48 -12.90 2.54
CA LYS C 119 -9.49 -12.81 4.02
C LYS C 119 -9.45 -11.34 4.46
N ASN C 120 -8.91 -10.47 3.63
CA ASN C 120 -8.92 -9.02 3.97
C ASN C 120 -10.38 -8.62 4.17
N ARG C 121 -11.30 -9.27 3.48
CA ARG C 121 -12.74 -9.01 3.69
C ARG C 121 -13.31 -10.27 4.35
N GLY C 122 -14.61 -10.53 4.19
CA GLY C 122 -15.14 -11.79 4.73
C GLY C 122 -15.84 -12.58 3.64
N ILE C 123 -15.31 -12.56 2.42
CA ILE C 123 -16.03 -13.20 1.29
C ILE C 123 -15.29 -14.43 0.76
N ILE C 124 -15.97 -15.58 0.73
CA ILE C 124 -15.38 -16.80 0.10
C ILE C 124 -16.31 -17.18 -1.06
N LYS C 125 -15.80 -17.18 -2.28
CA LYS C 125 -16.60 -17.51 -3.47
C LYS C 125 -16.20 -18.90 -3.96
N THR C 126 -17.15 -19.81 -4.06
CA THR C 126 -16.87 -21.19 -4.54
C THR C 126 -17.56 -21.45 -5.87
N PHE C 127 -16.80 -21.84 -6.89
CA PHE C 127 -17.44 -22.19 -8.19
C PHE C 127 -17.25 -23.69 -8.43
N SER C 128 -18.35 -24.44 -8.45
CA SER C 128 -18.27 -25.91 -8.60
C SER C 128 -18.24 -26.29 -10.08
N THR C 129 -17.04 -26.39 -10.65
CA THR C 129 -16.90 -26.78 -12.08
C THR C 129 -15.96 -27.98 -12.18
N ASP C 130 -16.49 -29.15 -12.49
CA ASP C 130 -15.59 -30.32 -12.70
C ASP C 130 -14.63 -29.96 -13.82
N VAL C 131 -13.35 -29.76 -13.49
CA VAL C 131 -12.36 -29.32 -14.52
C VAL C 131 -11.38 -30.46 -14.76
N LYS C 132 -11.66 -31.64 -14.20
CA LYS C 132 -10.83 -32.85 -14.41
C LYS C 132 -9.50 -32.73 -13.65
N LEU C 133 -9.49 -32.05 -12.50
CA LEU C 133 -8.25 -32.00 -11.70
C LEU C 133 -8.24 -33.15 -10.70
N ASP C 134 -7.08 -33.76 -10.47
CA ASP C 134 -6.96 -34.86 -9.47
C ASP C 134 -6.10 -34.32 -8.32
N GLU C 135 -5.63 -33.08 -8.44
CA GLU C 135 -4.82 -32.46 -7.40
C GLU C 135 -5.38 -31.07 -7.12
N THR C 136 -4.86 -30.47 -6.04
CA THR C 136 -5.36 -29.14 -5.62
C THR C 136 -4.23 -28.10 -5.72
N TYR C 137 -4.51 -26.96 -6.32
CA TYR C 137 -3.55 -25.89 -6.49
C TYR C 137 -3.96 -24.68 -5.66
N PHE C 138 -2.97 -24.07 -5.01
CA PHE C 138 -3.22 -22.90 -4.15
C PHE C 138 -2.36 -21.73 -4.61
N PHE C 139 -2.99 -20.62 -5.01
CA PHE C 139 -2.31 -19.41 -5.42
C PHE C 139 -2.49 -18.35 -4.34
N PHE C 140 -1.40 -17.77 -3.87
CA PHE C 140 -1.48 -16.69 -2.90
C PHE C 140 -0.17 -15.91 -2.91
N ARG C 141 -0.27 -14.59 -2.71
CA ARG C 141 0.95 -13.75 -2.62
C ARG C 141 1.55 -13.89 -1.22
N VAL C 142 2.87 -13.84 -1.09
CA VAL C 142 3.54 -14.01 0.23
C VAL C 142 4.13 -12.67 0.69
N SER D 18 -8.86 3.95 9.42
CA SER D 18 -8.10 4.53 10.53
C SER D 18 -6.93 3.63 10.92
N MET D 19 -5.72 4.13 10.69
CA MET D 19 -4.47 3.39 11.03
C MET D 19 -4.33 3.29 12.54
N LYS D 20 -4.31 2.08 13.08
CA LYS D 20 -4.27 1.91 14.54
C LYS D 20 -2.98 1.18 14.91
N LEU D 21 -2.42 1.51 16.07
CA LEU D 21 -1.12 0.92 16.46
C LEU D 21 -1.31 0.04 17.68
N VAL D 22 -0.40 -0.90 17.84
CA VAL D 22 -0.45 -1.79 19.02
C VAL D 22 0.59 -1.30 20.02
N ILE D 23 0.15 -1.02 21.25
CA ILE D 23 1.10 -0.64 22.32
C ILE D 23 1.16 -1.81 23.31
N ALA D 24 2.32 -2.40 23.49
CA ALA D 24 2.56 -3.52 24.40
C ALA D 24 3.42 -3.04 25.56
N ARG D 25 2.82 -2.98 26.75
CA ARG D 25 3.51 -2.56 27.97
C ARG D 25 3.94 -3.82 28.72
N VAL D 26 5.20 -4.20 28.57
CA VAL D 26 5.74 -5.40 29.21
C VAL D 26 6.22 -5.02 30.60
N LYS D 27 5.56 -5.56 31.62
CA LYS D 27 5.87 -5.25 33.02
C LYS D 27 7.11 -6.02 33.49
N SER D 28 8.23 -5.76 32.81
CA SER D 28 9.49 -6.41 33.13
C SER D 28 10.64 -5.61 32.53
N PRO D 29 11.77 -5.47 33.22
CA PRO D 29 12.90 -4.74 32.66
C PRO D 29 13.84 -5.58 31.80
N LYS D 30 13.71 -6.91 31.80
CA LYS D 30 14.64 -7.76 31.07
C LYS D 30 14.16 -8.08 29.66
N VAL D 31 12.85 -8.29 29.48
CA VAL D 31 12.32 -8.68 28.17
C VAL D 31 12.58 -7.57 27.17
N LYS D 32 13.37 -7.86 26.14
CA LYS D 32 13.69 -6.89 25.11
C LYS D 32 13.20 -7.31 23.73
N ARG D 33 12.48 -8.43 23.65
CA ARG D 33 11.97 -8.91 22.37
C ARG D 33 10.75 -9.77 22.61
N LEU D 34 9.82 -9.74 21.66
CA LEU D 34 8.60 -10.53 21.69
C LEU D 34 8.68 -11.61 20.63
N SER D 35 8.44 -12.85 21.02
CA SER D 35 8.44 -13.95 20.05
C SER D 35 7.20 -13.85 19.15
N GLU D 36 7.25 -14.58 18.05
CA GLU D 36 6.11 -14.62 17.10
C GLU D 36 4.90 -15.16 17.84
N GLU D 37 5.12 -16.14 18.72
CA GLU D 37 4.01 -16.69 19.49
C GLU D 37 3.40 -15.64 20.40
N ASP D 38 4.25 -14.79 20.96
CA ASP D 38 3.75 -13.71 21.85
C ASP D 38 2.97 -12.72 20.98
N ILE D 39 3.55 -12.34 19.86
CA ILE D 39 2.89 -11.38 18.98
C ILE D 39 1.54 -11.91 18.52
N GLU D 40 1.48 -13.22 18.22
CA GLU D 40 0.20 -13.82 17.82
C GLU D 40 -0.78 -13.85 18.97
N LYS D 41 -0.30 -14.01 20.21
CA LYS D 41 -1.17 -13.92 21.37
C LYS D 41 -1.72 -12.50 21.53
N ILE D 42 -0.92 -11.49 21.21
CA ILE D 42 -1.36 -10.11 21.32
C ILE D 42 -2.39 -9.79 20.24
N LYS D 43 -2.12 -10.21 19.00
CA LYS D 43 -3.04 -9.97 17.91
C LYS D 43 -4.38 -10.66 18.16
N SER D 44 -4.35 -11.87 18.70
CA SER D 44 -5.58 -12.58 19.01
C SER D 44 -6.36 -11.88 20.10
N ALA D 45 -5.67 -11.38 21.13
CA ALA D 45 -6.34 -10.71 22.23
C ALA D 45 -6.95 -9.37 21.83
N LEU D 46 -6.45 -8.77 20.75
CA LEU D 46 -6.92 -7.46 20.30
C LEU D 46 -7.87 -7.54 19.11
N LYS D 47 -8.31 -8.76 18.74
CA LYS D 47 -9.22 -8.90 17.61
C LYS D 47 -10.57 -8.26 17.90
N SER D 48 -11.13 -8.53 19.07
CA SER D 48 -12.47 -8.08 19.42
C SER D 48 -12.47 -6.97 20.47
N THR D 49 -11.31 -6.46 20.85
CA THR D 49 -11.23 -5.36 21.81
C THR D 49 -9.98 -4.54 21.53
N ASN D 50 -9.99 -3.32 22.05
CA ASN D 50 -8.87 -2.40 21.93
C ASN D 50 -8.07 -2.29 23.22
N LYS D 51 -8.29 -3.21 24.16
CA LYS D 51 -7.57 -3.19 25.44
C LYS D 51 -7.65 -4.58 26.04
N ALA D 52 -6.50 -5.22 26.25
CA ALA D 52 -6.45 -6.56 26.79
C ALA D 52 -5.19 -6.73 27.62
N VAL D 53 -5.08 -7.88 28.28
CA VAL D 53 -3.92 -8.23 29.09
C VAL D 53 -3.51 -9.66 28.74
N VAL D 54 -2.25 -9.83 28.33
CA VAL D 54 -1.71 -11.12 27.99
C VAL D 54 -0.58 -11.45 28.96
N THR D 55 -0.23 -12.73 29.01
CA THR D 55 0.85 -13.17 29.90
C THR D 55 1.87 -13.89 29.04
N ILE D 56 3.03 -13.29 28.90
CA ILE D 56 4.12 -13.92 28.14
C ILE D 56 5.04 -14.55 29.17
N LYS D 57 5.81 -15.53 28.75
CA LYS D 57 6.78 -16.12 29.69
C LYS D 57 8.18 -15.84 29.12
N ASP D 58 9.05 -15.28 29.94
CA ASP D 58 10.42 -14.98 29.48
C ASP D 58 11.35 -16.08 29.89
N GLU D 59 12.64 -15.84 29.72
CA GLU D 59 13.62 -16.81 30.25
C GLU D 59 13.28 -17.01 31.73
N ASN D 60 13.66 -18.14 32.32
CA ASN D 60 13.34 -18.42 33.74
C ASN D 60 11.88 -18.84 33.87
N GLY D 61 11.25 -19.26 32.78
CA GLY D 61 9.85 -19.73 32.83
C GLY D 61 8.98 -18.80 33.64
N GLU D 62 9.39 -17.53 33.77
CA GLU D 62 8.64 -16.59 34.64
C GLU D 62 7.50 -15.94 33.86
N GLU D 63 6.41 -15.60 34.54
CA GLU D 63 5.23 -14.98 33.87
C GLU D 63 5.33 -13.46 33.97
N ILE D 64 5.04 -12.76 32.87
CA ILE D 64 5.10 -11.27 32.85
C ILE D 64 3.79 -10.75 32.30
N GLU D 65 3.08 -9.92 33.07
CA GLU D 65 1.90 -9.27 32.55
C GLU D 65 2.27 -8.29 31.45
N VAL D 66 1.48 -8.28 30.38
CA VAL D 66 1.70 -7.32 29.27
C VAL D 66 0.38 -6.64 28.92
N GLU D 67 0.30 -5.33 29.15
CA GLU D 67 -0.87 -4.55 28.74
C GLU D 67 -0.78 -4.26 27.26
N VAL D 68 -1.83 -4.63 26.51
CA VAL D 68 -1.87 -4.42 25.07
C VAL D 68 -3.10 -3.58 24.75
N ARG D 69 -2.91 -2.67 23.78
CA ARG D 69 -4.02 -1.80 23.37
C ARG D 69 -3.93 -1.57 21.85
N LEU D 70 -5.07 -1.46 21.19
CA LEU D 70 -5.08 -1.10 19.75
C LEU D 70 -5.56 0.34 19.68
N LEU D 71 -4.70 1.25 19.29
CA LEU D 71 -5.07 2.68 19.39
C LEU D 71 -4.72 3.48 18.14
N THR D 72 -5.50 4.52 17.87
CA THR D 72 -5.11 5.44 16.82
C THR D 72 -3.91 6.27 17.28
N LEU D 73 -3.37 7.06 16.35
CA LEU D 73 -2.22 7.90 16.70
C LEU D 73 -2.57 8.90 17.78
N GLU D 74 -3.76 9.51 17.69
CA GLU D 74 -4.18 10.48 18.71
C GLU D 74 -4.41 9.77 20.05
N GLU D 75 -5.07 8.62 20.02
CA GLU D 75 -5.32 7.88 21.25
C GLU D 75 -4.02 7.42 21.89
N ALA D 76 -3.07 6.94 21.07
CA ALA D 76 -1.81 6.46 21.61
C ALA D 76 -1.00 7.59 22.22
N LEU D 77 -1.06 8.78 21.62
CA LEU D 77 -0.34 9.93 22.18
C LEU D 77 -0.93 10.35 23.53
N LYS D 78 -2.25 10.29 23.66
CA LYS D 78 -2.87 10.60 24.95
C LYS D 78 -2.55 9.52 25.98
N TYR D 79 -2.46 8.26 25.54
CA TYR D 79 -2.09 7.18 26.44
C TYR D 79 -0.67 7.37 26.97
N ILE D 80 0.24 7.81 26.12
CA ILE D 80 1.65 8.02 26.55
C ILE D 80 1.68 9.19 27.54
N ASN D 81 0.90 10.22 27.28
CA ASN D 81 0.92 11.38 28.15
C ASN D 81 0.35 11.08 29.52
N ASP D 82 -0.53 10.08 29.62
CA ASP D 82 -1.16 9.73 30.89
C ASP D 82 -0.37 8.71 31.69
N LEU D 83 0.70 8.16 31.14
CA LEU D 83 1.47 7.14 31.85
C LEU D 83 2.18 7.76 33.06
N PRO D 84 2.28 7.04 34.17
CA PRO D 84 3.04 7.53 35.33
C PRO D 84 4.54 7.27 35.20
N ILE D 85 5.15 7.88 34.20
CA ILE D 85 6.57 7.74 33.91
C ILE D 85 7.19 9.12 33.78
N SER D 86 8.50 9.14 33.54
CA SER D 86 9.26 10.39 33.35
C SER D 86 8.75 11.15 32.13
N ASN D 87 8.71 12.47 32.22
CA ASN D 87 8.30 13.25 31.07
C ASN D 87 9.29 13.12 29.92
N ASP D 88 10.54 12.83 30.23
CA ASP D 88 11.55 12.63 29.15
C ASP D 88 11.22 11.33 28.39
N ALA D 89 10.75 10.31 29.08
CA ALA D 89 10.35 9.09 28.38
C ALA D 89 9.13 9.34 27.51
N LYS D 90 8.19 10.17 28.00
CA LYS D 90 7.03 10.52 27.20
C LYS D 90 7.44 11.25 25.92
N LYS D 91 8.38 12.18 26.06
CA LYS D 91 8.84 12.97 24.89
C LYS D 91 9.55 12.04 23.90
N LEU D 92 10.34 11.10 24.42
CA LEU D 92 11.04 10.16 23.55
C LEU D 92 10.05 9.27 22.80
N MET D 93 8.98 8.85 23.48
CA MET D 93 7.95 8.04 22.82
C MET D 93 7.13 8.89 21.84
N SER D 94 6.78 10.11 22.24
CA SER D 94 5.93 10.94 21.39
C SER D 94 6.67 11.39 20.12
N ASN D 95 8.00 11.46 20.18
CA ASN D 95 8.78 11.96 19.03
C ASN D 95 9.08 10.83 18.03
N ASN D 96 8.86 9.56 18.42
CA ASN D 96 9.18 8.46 17.53
C ASN D 96 8.03 7.49 17.31
N ILE D 97 6.86 7.73 17.88
CA ILE D 97 5.73 6.76 17.74
C ILE D 97 5.29 6.70 16.26
N HIS D 98 5.40 7.83 15.54
CA HIS D 98 4.92 7.84 14.16
C HIS D 98 5.67 6.83 13.30
N LYS D 99 6.90 6.48 13.68
CA LYS D 99 7.68 5.53 12.90
C LYS D 99 7.04 4.14 12.93
N ALA D 100 6.26 3.84 13.94
CA ALA D 100 5.63 2.51 14.04
C ALA D 100 4.47 2.38 13.06
N LEU D 101 4.13 3.45 12.36
CA LEU D 101 2.98 3.42 11.44
C LEU D 101 3.39 2.79 10.10
N GLU D 102 4.70 2.61 9.88
CA GLU D 102 5.12 1.97 8.64
C GLU D 102 5.10 0.45 8.80
N PRO D 103 4.70 -0.28 7.76
CA PRO D 103 4.61 -1.74 7.88
C PRO D 103 5.97 -2.37 8.17
N GLY D 104 5.97 -3.32 9.10
CA GLY D 104 7.17 -4.05 9.46
C GLY D 104 8.11 -3.35 10.40
N ARG D 105 7.83 -2.10 10.76
CA ARG D 105 8.69 -1.33 11.65
C ARG D 105 8.17 -1.40 13.07
N THR D 106 9.05 -1.76 14.00
CA THR D 106 8.69 -1.85 15.42
C THR D 106 9.58 -0.90 16.22
N VAL D 107 9.00 -0.21 17.19
CA VAL D 107 9.78 0.72 18.04
C VAL D 107 9.69 0.18 19.48
N VAL D 108 10.83 0.13 20.15
CA VAL D 108 10.90 -0.41 21.50
C VAL D 108 11.48 0.65 22.42
N PHE D 109 10.94 0.71 23.63
CA PHE D 109 11.39 1.68 24.65
C PHE D 109 11.56 0.91 25.96
N GLY D 110 12.77 0.89 26.49
CA GLY D 110 13.05 0.14 27.69
C GLY D 110 14.07 0.80 28.60
N PRO D 111 14.53 0.11 29.67
CA PRO D 111 15.49 0.69 30.59
C PRO D 111 16.82 1.10 29.95
N GLU D 112 17.22 0.41 28.87
CA GLU D 112 18.51 0.68 28.20
C GLU D 112 18.31 1.73 27.11
N GLY D 113 17.06 1.97 26.71
CA GLY D 113 16.80 3.04 25.73
C GLY D 113 15.82 2.60 24.66
N CYS D 114 15.91 3.21 23.50
CA CYS D 114 14.98 2.90 22.41
C CYS D 114 15.69 2.12 21.31
N GLU D 115 14.88 1.41 20.53
CA GLU D 115 15.39 0.55 19.46
C GLU D 115 14.38 0.53 18.33
N GLU D 116 14.82 0.94 17.13
CA GLU D 116 13.93 0.93 15.94
C GLU D 116 14.29 -0.28 15.07
N ARG D 117 13.32 -1.17 14.84
CA ARG D 117 13.60 -2.41 14.07
C ARG D 117 12.83 -2.38 12.75
N ASP D 118 13.53 -2.30 11.62
CA ASP D 118 12.88 -2.32 10.28
C ASP D 118 13.12 -3.68 9.66
N LYS D 119 12.14 -4.58 9.74
CA LYS D 119 12.31 -5.96 9.23
C LYS D 119 12.41 -5.95 7.70
N ASN D 120 11.54 -5.18 7.04
CA ASN D 120 11.54 -5.17 5.58
C ASN D 120 12.85 -4.70 4.98
N ARG D 121 13.72 -4.05 5.76
CA ARG D 121 15.01 -3.59 5.27
C ARG D 121 16.19 -4.15 6.06
N GLY D 122 15.94 -5.03 7.03
CA GLY D 122 17.02 -5.64 7.78
C GLY D 122 17.88 -4.67 8.55
N ILE D 123 17.31 -3.56 8.99
CA ILE D 123 18.05 -2.50 9.68
C ILE D 123 17.50 -2.37 11.10
N ILE D 124 18.40 -2.41 12.08
CA ILE D 124 18.05 -2.25 13.48
C ILE D 124 18.93 -1.16 14.06
N LYS D 125 18.31 -0.07 14.53
CA LYS D 125 19.02 1.04 15.16
C LYS D 125 18.75 0.99 16.66
N THR D 126 19.82 1.14 17.45
CA THR D 126 19.74 1.06 18.90
C THR D 126 20.33 2.31 19.51
N PHE D 127 19.49 3.12 20.15
CA PHE D 127 19.97 4.34 20.81
C PHE D 127 20.13 4.04 22.31
N SER D 128 21.36 4.11 22.83
CA SER D 128 21.60 3.78 24.26
C SER D 128 21.38 5.02 25.12
N THR D 129 20.24 5.07 25.81
CA THR D 129 19.91 6.24 26.66
C THR D 129 19.04 5.79 27.83
N ASP D 130 19.47 6.03 29.06
CA ASP D 130 18.62 5.71 30.23
C ASP D 130 17.58 6.83 30.37
N VAL D 131 16.30 6.49 30.17
CA VAL D 131 15.21 7.52 30.28
C VAL D 131 14.36 7.17 31.52
N LYS D 132 14.93 6.40 32.44
CA LYS D 132 14.24 6.06 33.72
C LYS D 132 13.02 5.20 33.44
N LEU D 133 13.18 4.21 32.57
CA LEU D 133 12.05 3.28 32.37
C LEU D 133 12.42 1.96 33.05
N ASP D 134 11.53 1.44 33.88
CA ASP D 134 11.69 0.13 34.49
C ASP D 134 10.90 -0.95 33.76
N GLU D 135 10.14 -0.59 32.73
CA GLU D 135 9.37 -1.51 31.92
C GLU D 135 9.68 -1.26 30.45
N THR D 136 9.19 -2.14 29.59
CA THR D 136 9.48 -2.09 28.16
C THR D 136 8.19 -1.91 27.38
N TYR D 137 8.27 -1.00 26.42
CA TYR D 137 7.10 -0.67 25.59
C TYR D 137 7.41 -1.01 24.13
N PHE D 138 6.46 -1.68 23.48
CA PHE D 138 6.61 -2.06 22.06
C PHE D 138 5.50 -1.45 21.23
N PHE D 139 5.88 -0.68 20.22
CA PHE D 139 4.90 -0.05 19.30
C PHE D 139 5.03 -0.70 17.93
N PHE D 140 3.92 -1.18 17.40
CA PHE D 140 3.91 -1.83 16.07
C PHE D 140 2.48 -1.84 15.54
N ARG D 141 2.34 -1.92 14.23
CA ARG D 141 1.01 -1.98 13.60
C ARG D 141 0.64 -3.45 13.48
N VAL D 142 -0.66 -3.77 13.41
CA VAL D 142 -1.12 -5.20 13.38
C VAL D 142 -1.46 -5.62 11.94
#